data_1Y1A
#
_entry.id   1Y1A
#
_cell.length_a   115.222
_cell.length_b   115.222
_cell.length_c   268.202
_cell.angle_alpha   90.00
_cell.angle_beta   90.00
_cell.angle_gamma   120.00
#
_symmetry.space_group_name_H-M   'P 65 2 2'
#
loop_
_entity.id
_entity.type
_entity.pdbx_description
1 polymer 'Calcium and integrin binding 1 (calmyrin)'
2 non-polymer 'CALCIUM ION'
3 non-polymer GLUTATHIONE
4 water water
#
_entity_poly.entity_id   1
_entity_poly.type   'polypeptide(L)'
_entity_poly.pdbx_seq_one_letter_code
;SKELLAEYQDLTFLTKQEILLAHRRFCELLPQEQRSVESSLRAQVPFEQILSLPELKANPFKERICRVFSTSPAKDSLSF
EDFLDLLSVFSDTATPDIKSHYAFRIFDFDDDGTLNREDLSRLVNCLTGEGEDTRLSASEMKQLIDNILEESDIDRDGTI
NLSEFQHVISRSPDFASSFKIVL
;
_entity_poly.pdbx_strand_id   A,B
#
loop_
_chem_comp.id
_chem_comp.type
_chem_comp.name
_chem_comp.formula
CA non-polymer 'CALCIUM ION' 'Ca 2'
GSH non-polymer GLUTATHIONE 'C10 H17 N3 O6 S'
#
# COMPACT_ATOMS: atom_id res chain seq x y z
N SER A 1 24.84 1.20 0.00
CA SER A 1 23.77 0.57 -0.84
C SER A 1 22.59 0.11 0.01
N LYS A 2 22.88 -0.39 1.21
CA LYS A 2 21.82 -0.86 2.09
C LYS A 2 20.93 0.30 2.51
N GLU A 3 21.54 1.43 2.85
CA GLU A 3 20.79 2.61 3.27
C GLU A 3 19.99 3.13 2.07
N LEU A 4 20.62 3.14 0.90
CA LEU A 4 19.97 3.61 -0.32
C LEU A 4 18.74 2.79 -0.68
N LEU A 5 18.90 1.46 -0.69
CA LEU A 5 17.77 0.59 -1.01
C LEU A 5 16.72 0.65 0.09
N ALA A 6 17.16 0.82 1.33
CA ALA A 6 16.24 0.91 2.46
C ALA A 6 15.24 2.04 2.31
N GLU A 7 15.67 3.14 1.72
CA GLU A 7 14.78 4.29 1.52
C GLU A 7 13.53 3.86 0.76
N TYR A 8 13.73 3.06 -0.29
CA TYR A 8 12.63 2.59 -1.12
C TYR A 8 11.71 1.66 -0.37
N GLN A 9 12.26 0.95 0.60
CA GLN A 9 11.50 0.02 1.40
C GLN A 9 10.47 0.80 2.23
N ASP A 10 10.89 1.96 2.75
CA ASP A 10 9.99 2.78 3.57
C ASP A 10 9.00 3.53 2.69
N LEU A 11 9.37 3.73 1.44
CA LEU A 11 8.54 4.46 0.49
C LEU A 11 7.44 3.62 -0.15
N THR A 12 7.67 2.32 -0.26
CA THR A 12 6.74 1.42 -0.92
C THR A 12 6.13 0.29 -0.09
N PHE A 13 6.67 0.08 1.10
CA PHE A 13 6.21 -1.00 1.98
C PHE A 13 6.44 -2.39 1.38
N LEU A 14 7.51 -2.52 0.60
CA LEU A 14 7.89 -3.79 0.00
C LEU A 14 9.02 -4.37 0.85
N THR A 15 9.27 -5.68 0.75
CA THR A 15 10.35 -6.30 1.51
C THR A 15 11.67 -6.05 0.79
N LYS A 16 12.80 -6.25 1.47
CA LYS A 16 14.10 -6.05 0.84
C LYS A 16 14.31 -7.03 -0.31
N GLN A 17 13.76 -8.23 -0.19
CA GLN A 17 13.89 -9.21 -1.26
C GLN A 17 13.19 -8.69 -2.53
N GLU A 18 11.98 -8.14 -2.36
CA GLU A 18 11.24 -7.62 -3.50
C GLU A 18 11.97 -6.48 -4.18
N ILE A 19 12.51 -5.58 -3.37
CA ILE A 19 13.24 -4.44 -3.90
C ILE A 19 14.52 -4.86 -4.61
N LEU A 20 15.15 -5.92 -4.12
CA LEU A 20 16.37 -6.44 -4.71
C LEU A 20 16.08 -7.01 -6.11
N LEU A 21 15.04 -7.83 -6.19
CA LEU A 21 14.65 -8.43 -7.46
C LEU A 21 14.35 -7.34 -8.48
N ALA A 22 13.60 -6.34 -8.04
CA ALA A 22 13.23 -5.24 -8.91
C ALA A 22 14.44 -4.42 -9.33
N HIS A 23 15.37 -4.22 -8.41
CA HIS A 23 16.56 -3.45 -8.72
C HIS A 23 17.40 -4.13 -9.80
N ARG A 24 17.52 -5.44 -9.71
CA ARG A 24 18.29 -6.18 -10.71
C ARG A 24 17.63 -6.05 -12.07
N ARG A 25 16.31 -6.16 -12.12
CA ARG A 25 15.59 -6.04 -13.38
C ARG A 25 15.74 -4.63 -13.93
N PHE A 26 15.63 -3.64 -13.04
CA PHE A 26 15.75 -2.25 -13.44
C PHE A 26 17.11 -1.99 -14.09
N CYS A 27 18.19 -2.44 -13.43
CA CYS A 27 19.54 -2.24 -13.94
C CYS A 27 19.75 -2.87 -15.30
N GLU A 28 19.22 -4.08 -15.49
CA GLU A 28 19.36 -4.78 -16.74
C GLU A 28 18.65 -4.06 -17.88
N LEU A 29 17.83 -3.06 -17.54
CA LEU A 29 17.10 -2.30 -18.54
C LEU A 29 17.76 -0.94 -18.82
N LEU A 30 18.80 -0.64 -18.04
CA LEU A 30 19.55 0.61 -18.18
C LEU A 30 20.79 0.39 -19.06
N PRO A 31 21.56 1.46 -19.33
CA PRO A 31 22.78 1.35 -20.14
C PRO A 31 23.93 0.79 -19.29
N GLN A 32 24.71 -0.13 -19.87
CA GLN A 32 25.83 -0.77 -19.18
C GLN A 32 26.55 0.07 -18.12
N GLU A 33 27.01 1.25 -18.50
CA GLU A 33 27.72 2.11 -17.55
C GLU A 33 26.72 2.85 -16.67
N GLN A 34 25.83 2.10 -16.03
CA GLN A 34 24.81 2.69 -15.17
C GLN A 34 24.47 1.73 -14.04
N ARG A 35 24.96 0.50 -14.13
CA ARG A 35 24.72 -0.53 -13.14
C ARG A 35 25.13 -0.20 -11.70
N SER A 36 26.07 0.74 -11.54
CA SER A 36 26.54 1.14 -10.21
C SER A 36 25.33 1.44 -9.33
N VAL A 37 25.22 0.74 -8.20
CA VAL A 37 24.08 0.91 -7.30
C VAL A 37 23.62 2.35 -7.14
N GLU A 38 24.46 3.21 -6.57
CA GLU A 38 24.08 4.61 -6.36
C GLU A 38 23.77 5.33 -7.67
N SER A 39 24.47 4.95 -8.73
CA SER A 39 24.28 5.55 -10.03
C SER A 39 22.96 5.11 -10.65
N SER A 40 22.69 3.81 -10.59
CA SER A 40 21.47 3.24 -11.14
C SER A 40 20.20 3.84 -10.53
N LEU A 41 20.21 4.05 -9.21
CA LEU A 41 19.05 4.61 -8.54
C LEU A 41 18.71 6.03 -8.96
N ARG A 42 19.52 6.62 -9.84
CA ARG A 42 19.25 7.98 -10.31
C ARG A 42 18.94 7.98 -11.80
N ALA A 43 19.06 6.82 -12.43
CA ALA A 43 18.79 6.68 -13.86
C ALA A 43 17.30 6.49 -14.12
N GLN A 44 16.91 6.60 -15.39
CA GLN A 44 15.52 6.45 -15.78
C GLN A 44 15.46 5.49 -16.97
N VAL A 45 14.50 4.59 -16.97
CA VAL A 45 14.37 3.64 -18.08
C VAL A 45 13.36 4.17 -19.11
N PRO A 46 13.78 4.24 -20.38
CA PRO A 46 12.89 4.72 -21.45
C PRO A 46 11.69 3.81 -21.68
N PHE A 47 10.57 4.39 -22.11
CA PHE A 47 9.36 3.63 -22.34
C PHE A 47 9.58 2.39 -23.20
N GLU A 48 10.56 2.45 -24.10
CA GLU A 48 10.85 1.33 -24.99
C GLU A 48 10.95 0.03 -24.19
N GLN A 49 11.79 0.04 -23.16
CA GLN A 49 12.00 -1.13 -22.30
C GLN A 49 10.80 -1.48 -21.42
N ILE A 50 9.99 -0.48 -21.08
CA ILE A 50 8.82 -0.72 -20.25
C ILE A 50 7.72 -1.41 -21.07
N LEU A 51 7.48 -0.91 -22.28
CA LEU A 51 6.46 -1.47 -23.15
C LEU A 51 6.60 -2.96 -23.41
N SER A 52 7.83 -3.46 -23.45
CA SER A 52 8.09 -4.87 -23.71
C SER A 52 8.17 -5.73 -22.45
N LEU A 53 7.88 -5.14 -21.30
CA LEU A 53 7.91 -5.85 -20.03
C LEU A 53 6.93 -7.01 -20.06
N PRO A 54 7.35 -8.19 -19.59
CA PRO A 54 6.48 -9.36 -19.56
C PRO A 54 5.14 -9.13 -18.89
N GLU A 55 5.14 -8.54 -17.70
CA GLU A 55 3.88 -8.32 -16.99
C GLU A 55 2.94 -7.31 -17.65
N LEU A 56 3.38 -6.64 -18.71
CA LEU A 56 2.51 -5.69 -19.39
C LEU A 56 2.07 -6.24 -20.75
N LYS A 57 2.62 -7.39 -21.12
CA LYS A 57 2.33 -8.03 -22.39
C LYS A 57 0.85 -8.15 -22.76
N ALA A 58 0.04 -8.67 -21.85
CA ALA A 58 -1.38 -8.86 -22.10
C ALA A 58 -2.24 -7.62 -21.81
N ASN A 59 -1.60 -6.49 -21.56
CA ASN A 59 -2.33 -5.27 -21.23
C ASN A 59 -2.51 -4.28 -22.37
N PRO A 60 -3.76 -3.85 -22.62
CA PRO A 60 -4.00 -2.87 -23.68
C PRO A 60 -3.58 -1.53 -23.07
N PHE A 61 -3.36 -0.51 -23.88
CA PHE A 61 -2.98 0.79 -23.36
C PHE A 61 -1.62 0.82 -22.67
N LYS A 62 -0.67 0.03 -23.17
CA LYS A 62 0.67 -0.02 -22.58
C LYS A 62 1.29 1.38 -22.58
N GLU A 63 1.03 2.11 -23.65
CA GLU A 63 1.55 3.46 -23.83
C GLU A 63 1.00 4.38 -22.76
N ARG A 64 -0.28 4.18 -22.46
CA ARG A 64 -0.99 4.96 -21.46
C ARG A 64 -0.40 4.62 -20.08
N ILE A 65 -0.20 3.33 -19.84
CA ILE A 65 0.37 2.85 -18.60
C ILE A 65 1.70 3.55 -18.29
N CYS A 66 2.59 3.60 -19.29
CA CYS A 66 3.88 4.24 -19.09
C CYS A 66 3.74 5.69 -18.63
N ARG A 67 2.97 6.48 -19.37
CA ARG A 67 2.77 7.88 -19.04
C ARG A 67 2.17 8.11 -17.65
N VAL A 68 1.25 7.25 -17.25
CA VAL A 68 0.64 7.41 -15.93
C VAL A 68 1.62 7.13 -14.80
N PHE A 69 2.41 6.07 -14.94
CA PHE A 69 3.37 5.73 -13.90
C PHE A 69 4.61 6.62 -13.89
N SER A 70 4.92 7.23 -15.02
CA SER A 70 6.07 8.12 -15.12
C SER A 70 5.88 9.37 -14.26
N THR A 71 6.86 9.66 -13.42
CA THR A 71 6.76 10.83 -12.55
C THR A 71 7.27 12.12 -13.19
N SER A 72 8.40 12.04 -13.90
CA SER A 72 8.96 13.23 -14.54
C SER A 72 8.16 13.64 -15.78
N PRO A 73 7.51 14.82 -15.73
CA PRO A 73 6.72 15.31 -16.87
C PRO A 73 7.59 15.54 -18.10
N ALA A 74 8.79 16.05 -17.88
CA ALA A 74 9.73 16.34 -18.96
C ALA A 74 10.11 15.09 -19.78
N LYS A 75 10.65 14.08 -19.10
CA LYS A 75 11.10 12.86 -19.76
C LYS A 75 10.03 11.79 -19.95
N ASP A 76 10.27 10.91 -20.93
CA ASP A 76 9.37 9.80 -21.23
C ASP A 76 10.08 8.53 -20.74
N SER A 77 10.26 8.44 -19.43
CA SER A 77 10.94 7.31 -18.83
C SER A 77 10.45 7.08 -17.39
N LEU A 78 10.86 5.97 -16.79
CA LEU A 78 10.45 5.66 -15.43
C LEU A 78 11.65 5.64 -14.47
N SER A 79 11.46 6.23 -13.29
CA SER A 79 12.51 6.23 -12.28
C SER A 79 12.38 4.90 -11.53
N PHE A 80 13.35 4.57 -10.69
CA PHE A 80 13.26 3.30 -9.97
C PHE A 80 11.99 3.26 -9.12
N GLU A 81 11.61 4.40 -8.55
CA GLU A 81 10.42 4.48 -7.73
C GLU A 81 9.18 4.18 -8.59
N ASP A 82 9.12 4.77 -9.78
CA ASP A 82 7.99 4.56 -10.69
C ASP A 82 7.96 3.07 -11.06
N PHE A 83 9.14 2.50 -11.27
CA PHE A 83 9.26 1.10 -11.63
C PHE A 83 8.73 0.18 -10.53
N LEU A 84 9.01 0.51 -9.28
CA LEU A 84 8.53 -0.29 -8.14
C LEU A 84 7.00 -0.29 -8.11
N ASP A 85 6.40 0.87 -8.33
CA ASP A 85 4.94 0.99 -8.34
C ASP A 85 4.35 0.18 -9.49
N LEU A 86 5.02 0.21 -10.65
CA LEU A 86 4.54 -0.54 -11.79
C LEU A 86 4.51 -2.03 -11.43
N LEU A 87 5.60 -2.54 -10.87
CA LEU A 87 5.67 -3.94 -10.48
C LEU A 87 4.65 -4.27 -9.39
N SER A 88 4.44 -3.35 -8.45
CA SER A 88 3.46 -3.57 -7.40
C SER A 88 2.07 -3.75 -8.01
N VAL A 89 1.80 -3.07 -9.12
CA VAL A 89 0.49 -3.18 -9.73
C VAL A 89 0.38 -4.36 -10.69
N PHE A 90 1.36 -4.55 -11.57
CA PHE A 90 1.28 -5.61 -12.56
C PHE A 90 2.02 -6.92 -12.36
N SER A 91 2.85 -7.03 -11.33
CA SER A 91 3.60 -8.26 -11.12
C SER A 91 3.39 -8.96 -9.78
N ASP A 92 3.37 -10.29 -9.80
CA ASP A 92 3.22 -11.03 -8.55
C ASP A 92 4.49 -10.97 -7.72
N THR A 93 5.56 -10.44 -8.28
CA THR A 93 6.84 -10.38 -7.57
C THR A 93 7.00 -9.16 -6.65
N ALA A 94 5.96 -8.34 -6.57
CA ALA A 94 6.00 -7.14 -5.73
C ALA A 94 4.63 -6.87 -5.13
N THR A 95 4.47 -7.09 -3.83
CA THR A 95 3.18 -6.87 -3.19
C THR A 95 3.28 -5.98 -1.97
N PRO A 96 3.01 -4.67 -2.12
CA PRO A 96 3.08 -3.74 -0.99
C PRO A 96 2.19 -4.20 0.16
N ASP A 97 2.66 -3.98 1.38
CA ASP A 97 1.91 -4.39 2.56
C ASP A 97 2.25 -3.44 3.72
N ILE A 98 1.46 -2.37 3.83
CA ILE A 98 1.68 -1.38 4.87
C ILE A 98 1.52 -1.90 6.30
N LYS A 99 0.59 -2.83 6.52
CA LYS A 99 0.39 -3.36 7.88
C LYS A 99 1.58 -4.20 8.37
N SER A 100 2.12 -5.04 7.49
CA SER A 100 3.26 -5.86 7.87
C SER A 100 4.45 -4.96 8.17
N HIS A 101 4.68 -3.99 7.28
CA HIS A 101 5.79 -3.07 7.42
C HIS A 101 5.85 -2.41 8.80
N TYR A 102 4.76 -1.77 9.21
CA TYR A 102 4.72 -1.11 10.50
C TYR A 102 4.67 -2.08 11.68
N ALA A 103 3.89 -3.14 11.58
CA ALA A 103 3.82 -4.10 12.67
C ALA A 103 5.21 -4.64 12.95
N PHE A 104 5.94 -4.93 11.88
CA PHE A 104 7.29 -5.46 12.00
C PHE A 104 8.18 -4.47 12.72
N ARG A 105 8.17 -3.22 12.26
CA ARG A 105 8.99 -2.19 12.87
C ARG A 105 8.67 -1.99 14.37
N ILE A 106 7.41 -2.19 14.74
CA ILE A 106 6.99 -2.04 16.12
C ILE A 106 7.65 -3.09 17.02
N PHE A 107 7.64 -4.34 16.57
CA PHE A 107 8.24 -5.41 17.35
C PHE A 107 9.76 -5.57 17.19
N ASP A 108 10.34 -4.94 16.17
CA ASP A 108 11.78 -4.99 15.97
C ASP A 108 12.38 -3.86 16.82
N PHE A 109 12.46 -4.09 18.13
CA PHE A 109 12.93 -3.08 19.07
C PHE A 109 14.28 -2.41 18.81
N ASP A 110 15.26 -3.15 18.35
CA ASP A 110 16.57 -2.58 18.07
C ASP A 110 16.72 -2.10 16.63
N ASP A 111 15.61 -2.09 15.89
CA ASP A 111 15.61 -1.67 14.49
C ASP A 111 16.77 -2.26 13.71
N ASP A 112 16.96 -3.57 13.80
CA ASP A 112 18.06 -4.22 13.09
C ASP A 112 17.65 -5.10 11.92
N GLY A 113 16.36 -5.14 11.60
CA GLY A 113 15.94 -5.92 10.46
C GLY A 113 15.42 -7.33 10.66
N THR A 114 15.44 -7.83 11.88
CA THR A 114 14.92 -9.17 12.12
C THR A 114 14.26 -9.24 13.49
N LEU A 115 13.45 -10.27 13.69
CA LEU A 115 12.76 -10.47 14.95
C LEU A 115 13.39 -11.72 15.57
N ASN A 116 14.18 -11.55 16.63
CA ASN A 116 14.79 -12.70 17.30
C ASN A 116 13.87 -13.20 18.42
N ARG A 117 14.31 -14.20 19.17
CA ARG A 117 13.49 -14.75 20.24
C ARG A 117 12.95 -13.65 21.14
N GLU A 118 13.82 -12.72 21.52
CA GLU A 118 13.42 -11.63 22.38
C GLU A 118 12.32 -10.76 21.76
N ASP A 119 12.47 -10.36 20.49
CA ASP A 119 11.44 -9.55 19.84
C ASP A 119 10.15 -10.35 19.73
N LEU A 120 10.28 -11.61 19.35
CA LEU A 120 9.14 -12.49 19.17
C LEU A 120 8.36 -12.73 20.48
N SER A 121 9.07 -12.71 21.60
CA SER A 121 8.45 -12.96 22.89
C SER A 121 7.38 -11.93 23.20
N ARG A 122 7.62 -10.67 22.85
CA ARG A 122 6.64 -9.63 23.11
C ARG A 122 5.44 -9.83 22.19
N LEU A 123 5.70 -10.32 20.98
CA LEU A 123 4.68 -10.56 19.97
C LEU A 123 3.70 -11.61 20.46
N VAL A 124 4.22 -12.77 20.84
CA VAL A 124 3.35 -13.84 21.29
C VAL A 124 2.69 -13.47 22.62
N ASN A 125 3.36 -12.61 23.38
CA ASN A 125 2.83 -12.21 24.68
C ASN A 125 1.59 -11.31 24.54
N CYS A 126 1.22 -10.97 23.31
CA CYS A 126 0.02 -10.17 23.06
C CYS A 126 -1.19 -11.10 23.09
N LEU A 127 -0.91 -12.40 23.04
CA LEU A 127 -1.96 -13.41 23.09
C LEU A 127 -2.28 -13.69 24.56
N THR A 128 -3.24 -14.57 24.79
CA THR A 128 -3.64 -14.95 26.13
C THR A 128 -3.45 -16.47 26.32
N GLY A 129 -3.45 -16.93 27.57
CA GLY A 129 -3.28 -18.35 27.83
C GLY A 129 -4.41 -19.18 27.25
N GLU A 130 -5.56 -19.20 27.93
CA GLU A 130 -6.72 -19.95 27.45
C GLU A 130 -8.01 -19.15 27.59
N GLY A 131 -8.23 -18.56 28.75
CA GLY A 131 -9.43 -17.77 28.97
C GLY A 131 -9.36 -16.46 28.19
N GLU A 132 -10.46 -15.71 28.18
CA GLU A 132 -10.48 -14.44 27.46
C GLU A 132 -9.51 -13.41 28.02
N ASP A 133 -9.27 -13.45 29.33
CA ASP A 133 -8.34 -12.52 29.96
C ASP A 133 -7.26 -13.28 30.72
N THR A 134 -6.35 -13.88 29.98
CA THR A 134 -5.27 -14.66 30.57
C THR A 134 -3.92 -14.13 30.12
N ARG A 135 -2.86 -14.63 30.74
CA ARG A 135 -1.52 -14.24 30.37
C ARG A 135 -0.63 -15.47 30.32
N LEU A 136 0.23 -15.52 29.31
CA LEU A 136 1.11 -16.67 29.11
C LEU A 136 2.11 -16.91 30.23
N SER A 137 2.46 -18.18 30.40
CA SER A 137 3.48 -18.58 31.37
C SER A 137 4.76 -18.65 30.54
N ALA A 138 5.89 -18.86 31.20
CA ALA A 138 7.16 -18.94 30.48
C ALA A 138 7.18 -20.04 29.42
N SER A 139 6.82 -21.27 29.82
CA SER A 139 6.81 -22.39 28.90
C SER A 139 5.87 -22.23 27.72
N GLU A 140 4.73 -21.58 27.94
CA GLU A 140 3.75 -21.38 26.87
C GLU A 140 4.32 -20.37 25.88
N MET A 141 5.03 -19.38 26.41
CA MET A 141 5.66 -18.35 25.58
C MET A 141 6.75 -19.01 24.75
N LYS A 142 7.51 -19.91 25.38
CA LYS A 142 8.58 -20.61 24.72
C LYS A 142 8.07 -21.45 23.56
N GLN A 143 7.02 -22.21 23.80
CA GLN A 143 6.44 -23.06 22.77
C GLN A 143 5.92 -22.25 21.58
N LEU A 144 5.26 -21.13 21.87
CA LEU A 144 4.71 -20.30 20.81
C LEU A 144 5.81 -19.73 19.93
N ILE A 145 6.90 -19.32 20.55
CA ILE A 145 8.04 -18.77 19.80
C ILE A 145 8.65 -19.90 18.98
N ASP A 146 8.79 -21.07 19.60
CA ASP A 146 9.34 -22.22 18.91
C ASP A 146 8.49 -22.57 17.69
N ASN A 147 7.18 -22.55 17.84
CA ASN A 147 6.30 -22.88 16.71
C ASN A 147 6.41 -21.90 15.55
N ILE A 148 6.60 -20.63 15.85
CA ILE A 148 6.73 -19.61 14.82
C ILE A 148 7.98 -19.84 13.99
N LEU A 149 9.10 -20.08 14.68
CA LEU A 149 10.38 -20.32 14.02
C LEU A 149 10.28 -21.55 13.13
N GLU A 150 9.83 -22.66 13.73
CA GLU A 150 9.69 -23.92 13.03
C GLU A 150 8.88 -23.79 11.75
N GLU A 151 7.79 -23.03 11.83
CA GLU A 151 6.89 -22.84 10.71
C GLU A 151 7.21 -21.72 9.70
N SER A 152 7.82 -20.64 10.16
CA SER A 152 8.07 -19.52 9.27
C SER A 152 9.50 -19.06 9.03
N ASP A 153 10.43 -19.56 9.84
CA ASP A 153 11.83 -19.20 9.69
C ASP A 153 12.44 -20.09 8.58
N ILE A 154 12.01 -19.87 7.34
CA ILE A 154 12.48 -20.71 6.24
C ILE A 154 13.96 -20.64 5.86
N ASP A 155 14.68 -19.58 6.21
CA ASP A 155 16.09 -19.57 5.89
C ASP A 155 16.88 -20.05 7.12
N ARG A 156 16.14 -20.61 8.07
CA ARG A 156 16.69 -21.18 9.31
C ARG A 156 17.85 -20.42 9.95
N ASP A 157 17.70 -19.12 10.14
CA ASP A 157 18.76 -18.34 10.77
C ASP A 157 18.40 -18.04 12.23
N GLY A 158 17.28 -18.59 12.69
CA GLY A 158 16.85 -18.38 14.07
C GLY A 158 16.07 -17.11 14.36
N THR A 159 15.80 -16.30 13.34
CA THR A 159 15.05 -15.06 13.51
C THR A 159 13.94 -14.98 12.46
N ILE A 160 13.13 -13.94 12.52
CA ILE A 160 12.04 -13.76 11.56
C ILE A 160 12.27 -12.42 10.86
N ASN A 161 12.39 -12.42 9.54
CA ASN A 161 12.57 -11.15 8.83
C ASN A 161 11.20 -10.69 8.29
N LEU A 162 11.14 -9.51 7.69
CA LEU A 162 9.85 -8.99 7.20
C LEU A 162 9.13 -9.97 6.30
N SER A 163 9.85 -10.53 5.34
CA SER A 163 9.26 -11.49 4.42
C SER A 163 8.60 -12.66 5.15
N GLU A 164 9.31 -13.21 6.13
CA GLU A 164 8.77 -14.33 6.89
C GLU A 164 7.66 -13.89 7.84
N PHE A 165 7.77 -12.65 8.32
CA PHE A 165 6.77 -12.11 9.23
C PHE A 165 5.43 -12.06 8.49
N GLN A 166 5.47 -11.68 7.21
CA GLN A 166 4.26 -11.60 6.40
C GLN A 166 3.55 -12.95 6.38
N HIS A 167 4.34 -14.02 6.39
CA HIS A 167 3.74 -15.35 6.38
C HIS A 167 3.18 -15.69 7.76
N VAL A 168 3.85 -15.24 8.81
CA VAL A 168 3.40 -15.48 10.18
C VAL A 168 1.98 -14.94 10.43
N ILE A 169 1.70 -13.75 9.92
CA ILE A 169 0.40 -13.13 10.10
C ILE A 169 -0.49 -13.20 8.88
N SER A 170 -0.12 -14.03 7.90
CA SER A 170 -0.90 -14.12 6.67
C SER A 170 -2.31 -14.69 6.89
N ARG A 171 -2.51 -15.37 8.01
CA ARG A 171 -3.82 -15.93 8.33
C ARG A 171 -4.44 -15.20 9.51
N SER A 172 -4.00 -13.98 9.76
CA SER A 172 -4.53 -13.20 10.88
C SER A 172 -5.12 -11.89 10.37
N PRO A 173 -6.33 -11.95 9.82
CA PRO A 173 -7.11 -10.84 9.27
C PRO A 173 -7.25 -9.62 10.18
N ASP A 174 -7.42 -9.88 11.47
CA ASP A 174 -7.62 -8.80 12.43
C ASP A 174 -6.38 -8.52 13.29
N PHE A 175 -5.22 -8.95 12.80
CA PHE A 175 -3.96 -8.76 13.51
C PHE A 175 -3.72 -7.36 14.09
N ALA A 176 -3.95 -6.32 13.29
CA ALA A 176 -3.72 -4.95 13.74
C ALA A 176 -4.55 -4.48 14.95
N SER A 177 -5.68 -5.13 15.20
CA SER A 177 -6.54 -4.73 16.33
C SER A 177 -5.81 -4.78 17.66
N SER A 178 -5.21 -5.91 17.98
CA SER A 178 -4.49 -6.03 19.24
C SER A 178 -3.22 -6.87 19.08
N PHE A 179 -2.73 -6.94 17.84
CA PHE A 179 -1.52 -7.68 17.52
C PHE A 179 -1.57 -9.15 17.89
N LYS A 180 -2.72 -9.79 17.65
CA LYS A 180 -2.83 -11.20 17.96
C LYS A 180 -2.68 -12.08 16.74
N ILE A 181 -1.79 -13.06 16.85
CA ILE A 181 -1.51 -14.02 15.77
C ILE A 181 -2.59 -15.09 15.90
N VAL A 182 -3.17 -15.50 14.77
CA VAL A 182 -4.19 -16.54 14.85
C VAL A 182 -3.53 -17.88 15.15
N LEU A 183 -3.98 -18.49 16.25
CA LEU A 183 -3.49 -19.78 16.75
C LEU A 183 -2.33 -19.63 17.75
N SER B 1 -2.43 23.81 -1.31
CA SER B 1 -3.35 24.28 -2.38
C SER B 1 -4.52 23.33 -2.58
N LYS B 2 -5.15 23.40 -3.76
CA LYS B 2 -6.28 22.54 -4.08
C LYS B 2 -5.77 21.26 -4.74
N GLU B 3 -4.46 21.10 -4.71
CA GLU B 3 -3.79 19.94 -5.29
C GLU B 3 -3.26 19.05 -4.18
N LEU B 4 -3.21 19.59 -2.96
CA LEU B 4 -2.73 18.83 -1.81
C LEU B 4 -3.50 17.53 -1.73
N LEU B 5 -4.82 17.62 -1.85
CA LEU B 5 -5.66 16.44 -1.80
C LEU B 5 -5.17 15.44 -2.83
N ALA B 6 -4.73 15.97 -3.97
CA ALA B 6 -4.21 15.14 -5.06
C ALA B 6 -2.88 14.52 -4.65
N GLU B 7 -1.98 15.33 -4.09
CA GLU B 7 -0.68 14.85 -3.66
C GLU B 7 -0.81 13.74 -2.63
N TYR B 8 -1.67 13.96 -1.64
CA TYR B 8 -1.89 12.96 -0.60
C TYR B 8 -2.46 11.68 -1.18
N GLN B 9 -3.10 11.80 -2.33
CA GLN B 9 -3.67 10.65 -3.00
C GLN B 9 -2.58 9.86 -3.69
N ASP B 10 -1.73 10.56 -4.46
CA ASP B 10 -0.64 9.90 -5.17
C ASP B 10 0.36 9.35 -4.16
N LEU B 11 0.27 9.88 -2.94
CA LEU B 11 1.17 9.49 -1.87
C LEU B 11 0.70 8.30 -1.04
N THR B 12 -0.61 8.15 -0.87
CA THR B 12 -1.13 7.07 -0.05
C THR B 12 -2.04 6.06 -0.74
N PHE B 13 -2.50 6.39 -1.93
CA PHE B 13 -3.39 5.52 -2.69
C PHE B 13 -4.70 5.33 -1.93
N LEU B 14 -5.17 6.40 -1.31
CA LEU B 14 -6.44 6.38 -0.59
C LEU B 14 -7.41 7.24 -1.41
N THR B 15 -8.71 7.07 -1.18
CA THR B 15 -9.70 7.87 -1.91
C THR B 15 -9.77 9.25 -1.27
N LYS B 16 -10.25 10.23 -2.02
CA LYS B 16 -10.37 11.58 -1.48
C LYS B 16 -11.30 11.61 -0.28
N GLN B 17 -12.27 10.69 -0.25
CA GLN B 17 -13.20 10.61 0.87
C GLN B 17 -12.44 10.21 2.13
N GLU B 18 -11.63 9.16 2.03
CA GLU B 18 -10.85 8.68 3.16
C GLU B 18 -9.93 9.77 3.68
N ILE B 19 -9.28 10.49 2.76
CA ILE B 19 -8.37 11.54 3.14
C ILE B 19 -9.07 12.71 3.82
N LEU B 20 -10.21 13.13 3.29
CA LEU B 20 -10.95 14.24 3.89
C LEU B 20 -11.50 13.80 5.24
N LEU B 21 -11.95 12.57 5.33
CA LEU B 21 -12.49 12.05 6.57
C LEU B 21 -11.39 12.03 7.65
N ALA B 22 -10.18 11.65 7.25
CA ALA B 22 -9.06 11.57 8.18
C ALA B 22 -8.57 12.95 8.60
N HIS B 23 -8.61 13.90 7.66
CA HIS B 23 -8.17 15.26 7.96
C HIS B 23 -9.01 15.86 9.08
N ARG B 24 -10.32 15.61 9.03
CA ARG B 24 -11.22 16.11 10.06
C ARG B 24 -10.78 15.57 11.40
N ARG B 25 -10.63 14.25 11.47
CA ARG B 25 -10.20 13.57 12.70
C ARG B 25 -8.88 14.15 13.21
N PHE B 26 -7.99 14.46 12.28
CA PHE B 26 -6.70 15.03 12.63
C PHE B 26 -6.92 16.41 13.26
N CYS B 27 -7.70 17.25 12.57
CA CYS B 27 -8.01 18.60 13.02
C CYS B 27 -8.50 18.67 14.45
N GLU B 28 -9.46 17.82 14.79
CA GLU B 28 -10.01 17.83 16.14
C GLU B 28 -9.07 17.29 17.20
N LEU B 29 -7.96 16.70 16.77
CA LEU B 29 -6.98 16.17 17.71
C LEU B 29 -5.89 17.22 17.93
N LEU B 30 -5.78 18.16 17.00
CA LEU B 30 -4.80 19.22 17.11
C LEU B 30 -5.13 20.16 18.28
N PRO B 31 -4.16 20.98 18.69
CA PRO B 31 -4.34 21.92 19.79
C PRO B 31 -5.15 23.14 19.34
N GLN B 32 -6.27 23.41 20.00
CA GLN B 32 -7.11 24.54 19.62
C GLN B 32 -6.51 25.88 20.03
N GLU B 33 -5.21 25.89 20.27
CA GLU B 33 -4.50 27.10 20.65
C GLU B 33 -3.01 26.83 20.78
N GLN B 34 -2.20 27.68 20.16
CA GLN B 34 -0.75 27.54 20.22
C GLN B 34 -0.21 28.19 21.50
N ARG B 35 0.56 27.42 22.26
CA ARG B 35 1.14 27.88 23.50
C ARG B 35 2.04 29.10 23.25
N SER B 36 2.66 29.11 22.07
CA SER B 36 3.55 30.19 21.64
C SER B 36 4.21 29.77 20.33
N VAL B 37 3.70 28.68 19.76
CA VAL B 37 4.21 28.14 18.50
C VAL B 37 3.94 29.07 17.33
N GLU B 38 4.62 28.85 16.22
CA GLU B 38 4.46 29.69 15.02
C GLU B 38 3.08 29.50 14.39
N SER B 39 2.79 30.34 13.40
CA SER B 39 1.52 30.29 12.69
C SER B 39 1.66 29.68 11.29
N SER B 40 1.61 28.36 11.21
CA SER B 40 1.75 27.66 9.94
C SER B 40 0.84 26.44 9.83
N LEU B 41 0.68 25.95 8.61
CA LEU B 41 -0.15 24.79 8.33
C LEU B 41 0.75 23.56 8.39
N ARG B 42 1.54 23.46 9.46
CA ARG B 42 2.47 22.34 9.60
C ARG B 42 2.36 21.67 10.97
N ALA B 43 1.42 22.15 11.79
CA ALA B 43 1.19 21.62 13.12
C ALA B 43 1.08 20.09 13.11
N GLN B 44 1.37 19.47 14.25
CA GLN B 44 1.31 18.02 14.39
C GLN B 44 0.54 17.63 15.65
N VAL B 45 -0.03 16.43 15.64
CA VAL B 45 -0.77 15.95 16.80
C VAL B 45 0.17 15.25 17.79
N PRO B 46 0.25 15.77 19.03
CA PRO B 46 1.12 15.17 20.05
C PRO B 46 0.70 13.77 20.48
N PHE B 47 1.67 12.96 20.89
CA PHE B 47 1.42 11.59 21.31
C PHE B 47 0.22 11.39 22.25
N GLU B 48 0.01 12.34 23.14
CA GLU B 48 -1.09 12.25 24.09
C GLU B 48 -2.44 12.04 23.40
N GLN B 49 -2.67 12.74 22.29
CA GLN B 49 -3.93 12.59 21.57
C GLN B 49 -3.96 11.30 20.75
N ILE B 50 -2.78 10.80 20.38
CA ILE B 50 -2.71 9.56 19.61
C ILE B 50 -2.97 8.36 20.52
N LEU B 51 -2.39 8.38 21.73
CA LEU B 51 -2.57 7.28 22.69
C LEU B 51 -4.02 6.98 23.05
N SER B 52 -4.88 7.98 22.98
CA SER B 52 -6.29 7.78 23.33
C SER B 52 -7.17 7.48 22.13
N LEU B 53 -6.57 7.37 20.95
CA LEU B 53 -7.29 7.07 19.73
C LEU B 53 -8.11 5.78 19.91
N PRO B 54 -9.39 5.80 19.51
CA PRO B 54 -10.27 4.62 19.64
C PRO B 54 -9.70 3.34 19.02
N GLU B 55 -9.15 3.43 17.81
CA GLU B 55 -8.62 2.23 17.16
C GLU B 55 -7.39 1.64 17.83
N LEU B 56 -6.72 2.40 18.69
CA LEU B 56 -5.55 1.85 19.38
C LEU B 56 -5.92 1.28 20.74
N LYS B 57 -7.18 1.48 21.12
CA LYS B 57 -7.73 1.03 22.40
C LYS B 57 -7.24 -0.34 22.87
N ALA B 58 -7.48 -1.37 22.05
CA ALA B 58 -7.09 -2.72 22.42
C ALA B 58 -5.64 -3.10 22.09
N ASN B 59 -4.86 -2.13 21.65
CA ASN B 59 -3.47 -2.38 21.28
C ASN B 59 -2.41 -2.16 22.35
N PRO B 60 -1.66 -3.19 22.70
CA PRO B 60 -0.61 -2.99 23.71
C PRO B 60 0.48 -2.25 22.93
N PHE B 61 1.44 -1.65 23.60
CA PHE B 61 2.52 -0.95 22.90
C PHE B 61 2.11 0.34 22.19
N LYS B 62 1.08 1.02 22.69
CA LYS B 62 0.62 2.27 22.09
C LYS B 62 1.78 3.25 21.96
N GLU B 63 2.61 3.33 23.01
CA GLU B 63 3.75 4.24 23.01
C GLU B 63 4.73 3.91 21.88
N ARG B 64 4.96 2.62 21.68
CA ARG B 64 5.85 2.14 20.63
C ARG B 64 5.24 2.54 19.28
N ILE B 65 3.93 2.32 19.14
CA ILE B 65 3.26 2.67 17.90
C ILE B 65 3.50 4.13 17.55
N CYS B 66 3.34 5.01 18.54
CA CYS B 66 3.55 6.44 18.34
C CYS B 66 4.96 6.76 17.82
N ARG B 67 5.97 6.20 18.48
CA ARG B 67 7.34 6.48 18.10
C ARG B 67 7.66 6.02 16.70
N VAL B 68 7.19 4.82 16.35
CA VAL B 68 7.43 4.26 15.03
C VAL B 68 6.77 5.06 13.90
N PHE B 69 5.50 5.41 14.09
CA PHE B 69 4.78 6.17 13.07
C PHE B 69 5.22 7.62 12.99
N SER B 70 5.77 8.15 14.08
CA SER B 70 6.23 9.53 14.08
C SER B 70 7.45 9.68 13.18
N THR B 71 7.36 10.59 12.21
CA THR B 71 8.46 10.83 11.29
C THR B 71 9.50 11.81 11.81
N SER B 72 9.06 12.84 12.55
CA SER B 72 9.99 13.83 13.10
C SER B 72 10.71 13.23 14.31
N PRO B 73 12.04 13.07 14.21
CA PRO B 73 12.86 12.51 15.27
C PRO B 73 12.87 13.33 16.57
N ALA B 74 12.94 14.64 16.43
CA ALA B 74 12.96 15.53 17.59
C ALA B 74 11.58 16.08 17.96
N LYS B 75 10.55 15.26 17.81
CA LYS B 75 9.19 15.69 18.13
C LYS B 75 8.33 14.50 18.51
N ASP B 76 7.65 14.58 19.63
CA ASP B 76 6.77 13.51 20.06
C ASP B 76 5.36 13.78 19.56
N SER B 77 5.21 13.77 18.24
CA SER B 77 3.93 14.02 17.61
C SER B 77 3.89 13.41 16.21
N LEU B 78 2.70 13.37 15.62
CA LEU B 78 2.53 12.81 14.28
C LEU B 78 2.07 13.87 13.30
N SER B 79 2.63 13.84 12.10
CA SER B 79 2.23 14.79 11.05
C SER B 79 0.98 14.18 10.42
N PHE B 80 0.35 14.90 9.49
CA PHE B 80 -0.84 14.37 8.85
C PHE B 80 -0.52 13.13 8.04
N GLU B 81 0.65 13.11 7.40
CA GLU B 81 1.07 11.93 6.63
C GLU B 81 1.19 10.73 7.56
N ASP B 82 1.84 10.93 8.71
CA ASP B 82 2.01 9.86 9.68
C ASP B 82 0.65 9.36 10.14
N PHE B 83 -0.28 10.29 10.29
CA PHE B 83 -1.63 9.96 10.74
C PHE B 83 -2.37 9.16 9.68
N LEU B 84 -2.13 9.47 8.42
CA LEU B 84 -2.78 8.73 7.32
C LEU B 84 -2.33 7.26 7.37
N ASP B 85 -1.03 7.03 7.47
CA ASP B 85 -0.50 5.66 7.54
C ASP B 85 -1.05 4.97 8.77
N LEU B 86 -1.08 5.68 9.90
CA LEU B 86 -1.60 5.14 11.15
C LEU B 86 -3.03 4.62 10.95
N LEU B 87 -3.89 5.45 10.36
CA LEU B 87 -5.28 5.07 10.11
C LEU B 87 -5.31 3.91 9.10
N SER B 88 -4.44 4.00 8.09
CA SER B 88 -4.36 2.94 7.09
C SER B 88 -4.08 1.59 7.74
N VAL B 89 -3.29 1.59 8.80
CA VAL B 89 -2.93 0.36 9.48
C VAL B 89 -3.92 -0.10 10.54
N PHE B 90 -4.46 0.81 11.32
CA PHE B 90 -5.35 0.43 12.40
C PHE B 90 -6.85 0.68 12.26
N SER B 91 -7.27 1.42 11.24
CA SER B 91 -8.69 1.73 11.07
C SER B 91 -9.33 1.27 9.76
N ASP B 92 -10.52 0.69 9.85
CA ASP B 92 -11.26 0.25 8.65
C ASP B 92 -11.67 1.44 7.77
N THR B 93 -11.52 2.65 8.28
CA THR B 93 -11.91 3.84 7.53
C THR B 93 -10.84 4.32 6.56
N ALA B 94 -9.75 3.57 6.45
CA ALA B 94 -8.67 3.95 5.55
C ALA B 94 -7.98 2.70 5.01
N THR B 95 -8.18 2.43 3.72
CA THR B 95 -7.60 1.24 3.08
C THR B 95 -6.87 1.58 1.79
N PRO B 96 -5.53 1.67 1.85
CA PRO B 96 -4.75 1.99 0.65
C PRO B 96 -4.94 0.93 -0.45
N ASP B 97 -5.11 1.37 -1.69
CA ASP B 97 -5.31 0.46 -2.83
C ASP B 97 -4.54 0.97 -4.03
N ILE B 98 -3.30 0.54 -4.17
CA ILE B 98 -2.46 1.00 -5.27
C ILE B 98 -2.99 0.60 -6.65
N LYS B 99 -3.54 -0.61 -6.76
CA LYS B 99 -4.07 -1.06 -8.04
C LYS B 99 -5.22 -0.19 -8.52
N SER B 100 -6.22 0.02 -7.66
CA SER B 100 -7.36 0.86 -8.02
C SER B 100 -6.86 2.25 -8.41
N HIS B 101 -5.99 2.81 -7.58
CA HIS B 101 -5.44 4.13 -7.82
C HIS B 101 -4.92 4.26 -9.24
N TYR B 102 -4.04 3.35 -9.63
CA TYR B 102 -3.47 3.42 -10.96
C TYR B 102 -4.42 3.03 -12.08
N ALA B 103 -5.20 1.97 -11.88
CA ALA B 103 -6.16 1.55 -12.90
C ALA B 103 -7.11 2.71 -13.22
N PHE B 104 -7.62 3.37 -12.19
CA PHE B 104 -8.54 4.49 -12.38
C PHE B 104 -7.87 5.62 -13.16
N ARG B 105 -6.65 5.97 -12.78
CA ARG B 105 -5.90 7.03 -13.45
C ARG B 105 -5.74 6.69 -14.94
N ILE B 106 -5.51 5.41 -15.21
CA ILE B 106 -5.32 4.95 -16.59
C ILE B 106 -6.55 5.15 -17.46
N PHE B 107 -7.71 4.76 -16.95
CA PHE B 107 -8.95 4.87 -17.70
C PHE B 107 -9.62 6.24 -17.64
N ASP B 108 -9.18 7.09 -16.72
CA ASP B 108 -9.71 8.45 -16.59
C ASP B 108 -8.87 9.33 -17.53
N PHE B 109 -9.18 9.25 -18.82
CA PHE B 109 -8.45 9.99 -19.85
C PHE B 109 -8.36 11.52 -19.73
N ASP B 110 -9.37 12.14 -19.13
CA ASP B 110 -9.36 13.59 -18.96
C ASP B 110 -8.85 14.01 -17.60
N ASP B 111 -8.42 13.03 -16.80
CA ASP B 111 -7.91 13.28 -15.46
C ASP B 111 -8.81 14.29 -14.76
N ASP B 112 -10.09 13.97 -14.64
CA ASP B 112 -11.03 14.86 -14.00
C ASP B 112 -11.73 14.26 -12.78
N GLY B 113 -11.27 13.08 -12.36
CA GLY B 113 -11.84 12.47 -11.17
C GLY B 113 -13.00 11.51 -11.30
N THR B 114 -13.48 11.27 -12.52
CA THR B 114 -14.59 10.34 -12.69
C THR B 114 -14.50 9.60 -14.01
N LEU B 115 -15.14 8.43 -14.04
CA LEU B 115 -15.18 7.62 -15.24
C LEU B 115 -16.61 7.71 -15.79
N ASN B 116 -16.78 8.44 -16.89
CA ASN B 116 -18.10 8.57 -17.51
C ASN B 116 -18.30 7.44 -18.53
N ARG B 117 -19.41 7.50 -19.27
CA ARG B 117 -19.73 6.47 -20.26
C ARG B 117 -18.56 6.26 -21.21
N GLU B 118 -17.98 7.35 -21.68
CA GLU B 118 -16.86 7.28 -22.61
C GLU B 118 -15.63 6.58 -21.99
N ASP B 119 -15.31 6.89 -20.74
CA ASP B 119 -14.16 6.26 -20.09
C ASP B 119 -14.46 4.77 -19.89
N LEU B 120 -15.65 4.48 -19.39
CA LEU B 120 -16.04 3.10 -19.15
C LEU B 120 -16.05 2.25 -20.42
N SER B 121 -16.29 2.88 -21.57
CA SER B 121 -16.34 2.12 -22.82
C SER B 121 -15.00 1.47 -23.13
N ARG B 122 -13.90 2.14 -22.81
CA ARG B 122 -12.59 1.55 -23.06
C ARG B 122 -12.37 0.42 -22.05
N LEU B 123 -12.83 0.63 -20.81
CA LEU B 123 -12.68 -0.36 -19.76
C LEU B 123 -13.36 -1.67 -20.15
N VAL B 124 -14.64 -1.59 -20.50
CA VAL B 124 -15.37 -2.79 -20.88
C VAL B 124 -14.84 -3.34 -22.20
N ASN B 125 -14.25 -2.48 -23.01
CA ASN B 125 -13.74 -2.94 -24.29
C ASN B 125 -12.48 -3.79 -24.11
N CYS B 126 -12.03 -3.98 -22.87
CA CYS B 126 -10.87 -4.82 -22.62
C CYS B 126 -11.35 -6.26 -22.47
N LEU B 127 -12.67 -6.42 -22.43
CA LEU B 127 -13.31 -7.73 -22.33
C LEU B 127 -13.60 -8.26 -23.75
N THR B 128 -13.98 -9.53 -23.84
CA THR B 128 -14.29 -10.13 -25.12
C THR B 128 -15.76 -10.59 -25.19
N GLY B 129 -16.17 -11.04 -26.37
CA GLY B 129 -17.54 -11.53 -26.55
C GLY B 129 -17.57 -13.05 -26.45
N GLU B 130 -18.01 -13.71 -27.53
CA GLU B 130 -18.10 -15.17 -27.59
C GLU B 130 -16.87 -15.88 -27.03
N GLY B 131 -15.97 -16.24 -27.94
CA GLY B 131 -14.75 -16.93 -27.58
C GLY B 131 -13.71 -16.12 -26.83
N GLU B 132 -12.46 -16.57 -26.93
CA GLU B 132 -11.36 -15.94 -26.24
C GLU B 132 -10.79 -14.67 -26.86
N ASP B 133 -10.93 -14.51 -28.18
CA ASP B 133 -10.39 -13.33 -28.84
C ASP B 133 -11.44 -12.37 -29.42
N THR B 134 -12.70 -12.77 -29.39
CA THR B 134 -13.77 -11.95 -29.93
C THR B 134 -13.77 -10.50 -29.40
N ARG B 135 -14.20 -9.57 -30.23
CA ARG B 135 -14.28 -8.17 -29.82
C ARG B 135 -15.75 -7.85 -29.56
N LEU B 136 -15.98 -6.81 -28.77
CA LEU B 136 -17.35 -6.44 -28.44
C LEU B 136 -18.04 -5.67 -29.57
N SER B 137 -19.37 -5.74 -29.56
CA SER B 137 -20.17 -5.00 -30.53
C SER B 137 -20.67 -3.77 -29.78
N ALA B 138 -21.27 -2.83 -30.49
CA ALA B 138 -21.78 -1.62 -29.85
C ALA B 138 -22.82 -1.91 -28.77
N SER B 139 -23.77 -2.80 -29.05
CA SER B 139 -24.81 -3.08 -28.06
C SER B 139 -24.29 -3.86 -26.86
N GLU B 140 -23.33 -4.75 -27.10
CA GLU B 140 -22.76 -5.51 -25.99
C GLU B 140 -22.00 -4.53 -25.10
N MET B 141 -21.29 -3.59 -25.74
CA MET B 141 -20.55 -2.57 -25.02
C MET B 141 -21.50 -1.71 -24.19
N LYS B 142 -22.57 -1.25 -24.83
CA LYS B 142 -23.55 -0.41 -24.15
C LYS B 142 -24.14 -1.12 -22.94
N GLN B 143 -24.50 -2.38 -23.10
CA GLN B 143 -25.07 -3.14 -22.00
C GLN B 143 -24.11 -3.26 -20.81
N LEU B 144 -22.85 -3.62 -21.08
CA LEU B 144 -21.86 -3.76 -20.03
C LEU B 144 -21.71 -2.47 -19.24
N ILE B 145 -21.71 -1.34 -19.94
CA ILE B 145 -21.58 -0.06 -19.27
C ILE B 145 -22.80 0.17 -18.39
N ASP B 146 -23.99 -0.11 -18.93
CA ASP B 146 -25.22 0.05 -18.16
C ASP B 146 -25.14 -0.78 -16.89
N ASN B 147 -24.77 -2.04 -17.04
CA ASN B 147 -24.65 -2.94 -15.88
C ASN B 147 -23.72 -2.36 -14.82
N ILE B 148 -22.57 -1.83 -15.25
CA ILE B 148 -21.61 -1.25 -14.32
C ILE B 148 -22.25 -0.08 -13.60
N LEU B 149 -22.83 0.81 -14.38
CA LEU B 149 -23.46 2.02 -13.87
C LEU B 149 -24.62 1.77 -12.92
N GLU B 150 -25.41 0.73 -13.15
CA GLU B 150 -26.54 0.46 -12.28
C GLU B 150 -26.15 -0.31 -11.02
N GLU B 151 -25.05 -1.05 -11.11
CA GLU B 151 -24.58 -1.86 -9.99
C GLU B 151 -23.59 -1.15 -9.06
N SER B 152 -22.82 -0.21 -9.58
CA SER B 152 -21.81 0.46 -8.76
C SER B 152 -21.88 1.98 -8.66
N ASP B 153 -22.77 2.62 -9.40
CA ASP B 153 -22.89 4.07 -9.30
C ASP B 153 -23.90 4.42 -8.21
N ILE B 154 -23.48 4.26 -6.96
CA ILE B 154 -24.35 4.50 -5.81
C ILE B 154 -24.84 5.94 -5.61
N ASP B 155 -24.02 6.92 -5.96
CA ASP B 155 -24.43 8.32 -5.80
C ASP B 155 -25.29 8.75 -6.99
N ARG B 156 -25.63 7.78 -7.82
CA ARG B 156 -26.47 7.96 -9.02
C ARG B 156 -26.24 9.24 -9.80
N ASP B 157 -25.01 9.51 -10.21
CA ASP B 157 -24.72 10.71 -10.99
C ASP B 157 -24.36 10.37 -12.44
N GLY B 158 -24.40 9.09 -12.78
CA GLY B 158 -24.10 8.68 -14.14
C GLY B 158 -22.62 8.49 -14.47
N THR B 159 -21.77 8.48 -13.46
CA THR B 159 -20.33 8.27 -13.67
C THR B 159 -19.82 7.36 -12.57
N ILE B 160 -18.53 7.05 -12.62
CA ILE B 160 -17.93 6.19 -11.61
C ILE B 160 -16.71 6.89 -11.02
N ASN B 161 -16.69 7.04 -9.70
CA ASN B 161 -15.57 7.68 -9.02
C ASN B 161 -14.66 6.59 -8.44
N LEU B 162 -13.47 6.99 -8.01
CA LEU B 162 -12.50 6.03 -7.46
C LEU B 162 -13.10 5.11 -6.41
N SER B 163 -13.89 5.68 -5.50
CA SER B 163 -14.51 4.89 -4.45
C SER B 163 -15.43 3.80 -4.99
N GLU B 164 -16.14 4.10 -6.06
CA GLU B 164 -17.04 3.10 -6.65
C GLU B 164 -16.24 2.16 -7.54
N PHE B 165 -15.23 2.69 -8.21
CA PHE B 165 -14.39 1.88 -9.08
C PHE B 165 -13.82 0.72 -8.27
N GLN B 166 -13.47 0.99 -7.02
CA GLN B 166 -12.92 -0.05 -6.15
C GLN B 166 -13.96 -1.14 -5.97
N HIS B 167 -15.24 -0.75 -5.92
CA HIS B 167 -16.31 -1.72 -5.79
C HIS B 167 -16.41 -2.53 -7.08
N VAL B 168 -16.32 -1.84 -8.22
CA VAL B 168 -16.40 -2.48 -9.53
C VAL B 168 -15.40 -3.62 -9.69
N ILE B 169 -14.13 -3.32 -9.43
CA ILE B 169 -13.10 -4.35 -9.56
C ILE B 169 -12.81 -5.11 -8.28
N SER B 170 -13.71 -5.00 -7.29
CA SER B 170 -13.51 -5.67 -6.02
C SER B 170 -13.53 -7.19 -6.17
N ARG B 171 -14.29 -7.69 -7.14
CA ARG B 171 -14.38 -9.12 -7.37
C ARG B 171 -13.55 -9.55 -8.57
N SER B 172 -12.55 -8.74 -8.91
CA SER B 172 -11.67 -9.02 -10.05
C SER B 172 -10.21 -9.18 -9.63
N PRO B 173 -9.89 -10.31 -8.99
CA PRO B 173 -8.55 -10.66 -8.52
C PRO B 173 -7.43 -10.58 -9.56
N ASP B 174 -7.77 -10.85 -10.81
CA ASP B 174 -6.78 -10.84 -11.89
C ASP B 174 -6.92 -9.63 -12.82
N PHE B 175 -7.58 -8.58 -12.32
CA PHE B 175 -7.79 -7.38 -13.11
C PHE B 175 -6.53 -6.79 -13.74
N ALA B 176 -5.47 -6.66 -12.95
CA ALA B 176 -4.22 -6.09 -13.43
C ALA B 176 -3.61 -6.85 -14.60
N SER B 177 -3.92 -8.13 -14.72
CA SER B 177 -3.38 -8.94 -15.81
C SER B 177 -3.67 -8.36 -17.20
N SER B 178 -4.94 -8.04 -17.48
CA SER B 178 -5.28 -7.47 -18.78
C SER B 178 -6.48 -6.53 -18.70
N PHE B 179 -6.69 -5.95 -17.53
CA PHE B 179 -7.78 -5.03 -17.27
C PHE B 179 -9.17 -5.62 -17.48
N LYS B 180 -9.35 -6.88 -17.14
CA LYS B 180 -10.66 -7.50 -17.30
C LYS B 180 -11.49 -7.54 -16.03
N ILE B 181 -12.64 -6.87 -16.06
CA ILE B 181 -13.58 -6.85 -14.94
C ILE B 181 -14.24 -8.22 -14.92
N VAL B 182 -14.49 -8.77 -13.75
CA VAL B 182 -15.16 -10.06 -13.67
C VAL B 182 -16.66 -9.86 -13.94
N LEU B 183 -17.19 -10.64 -14.87
CA LEU B 183 -18.59 -10.57 -15.28
C LEU B 183 -18.82 -9.41 -16.24
CA CA C . 15.54 -7.11 16.22
CA CA D . 14.79 -16.22 9.20
CA CA E . 1.81 -6.85 -7.55
CA CA F . -12.85 11.32 -16.96
CA CA G . -20.72 8.10 -9.22
CA CA H . -7.09 0.10 7.47
N1 GSH I . 2.71 18.97 2.32
CA1 GSH I . 3.70 19.37 3.35
C1 GSH I . 4.64 18.23 3.61
O11 GSH I . 4.31 17.06 3.20
O12 GSH I . 5.70 18.47 4.25
CB1 GSH I . 2.99 19.83 4.63
CG1 GSH I . 2.12 21.09 4.44
CD1 GSH I . 0.64 20.77 4.35
OE1 GSH I . 0.17 20.47 3.22
N2 GSH I . -0.09 20.84 5.48
CA2 GSH I . -1.51 20.55 5.55
C2 GSH I . -2.46 21.62 5.05
O2 GSH I . -1.99 22.73 4.79
CB2 GSH I . -1.85 20.22 7.02
SG2 GSH I . -3.31 19.33 7.25
N3 GSH I . -3.74 21.32 4.90
CA3 GSH I . -4.80 22.21 4.43
C3 GSH I . -5.56 22.85 5.63
C3 GSH I . -5.97 21.36 3.85
O31 GSH I . -6.60 23.48 5.37
O31 GSH I . -6.57 21.82 2.86
O32 GSH I . -5.10 22.70 6.79
O32 GSH I . -6.25 20.28 4.39
#